data_4L7O
#
_entry.id   4L7O
#
_cell.length_a   54.519
_cell.length_b   56.918
_cell.length_c   56.840
_cell.angle_alpha   90.00
_cell.angle_beta   112.43
_cell.angle_gamma   90.00
#
_symmetry.space_group_name_H-M   'P 1 21 1'
#
loop_
_entity.id
_entity.type
_entity.pdbx_description
1 polymer 'Poly [ADP-ribose] polymerase 3'
2 non-polymer N-{(1S)-1-[4-(1H-imidazol-1-yl)phenyl]ethyl}-3-(4-oxo-3,4-dihydroquinazolin-2-yl)propanamide
3 non-polymer 'DIMETHYL SULFOXIDE'
4 water water
#
_entity_poly.entity_id   1
_entity_poly.type   'polypeptide(L)'
_entity_poly.pdbx_seq_one_letter_code
;SMKRVQPCSLDPATQKLITNIFSKEMFKNTMALMDLDVKKMPLGKLSKQQIARGFEALEALEEALKGPTDGGQSLEELSS
HFYTVIPHNFGHSQPPPINSPELLQAKKDMLLVLADIELAQALQAVSEQEKTVEEVPHPLDRDYQLLKCQLQLLDSGAPE
YKVIQTYLEQTGSNHRCPTLQHIWKVNQEGEEDRFQAHSKLGNRKLLWHGTNMAVVAAILTSGLRIMPHSGGRVGKGIYF
ASENSKSAGYVIGMKCGAHHVGYMFLGEVALGREHHINTDNPSLKSPPPGFDSVIARGHTEPDPTQDTELELDGQQVVVP
QGQPVPCPEFSSSTFSQSEYLIYQESQCRLRYLLEVH
;
_entity_poly.pdbx_strand_id   A
#
loop_
_chem_comp.id
_chem_comp.type
_chem_comp.name
_chem_comp.formula
1VD non-polymer N-{(1S)-1-[4-(1H-imidazol-1-yl)phenyl]ethyl}-3-(4-oxo-3,4-dihydroquinazolin-2-yl)propanamide 'C22 H21 N5 O2'
DMS non-polymer 'DIMETHYL SULFOXIDE' 'C2 H6 O S'
#
# COMPACT_ATOMS: atom_id res chain seq x y z
N SER A 1 33.46 -11.75 -24.08
CA SER A 1 32.84 -12.34 -22.85
C SER A 1 32.21 -11.25 -21.99
N MET A 2 32.76 -10.06 -22.03
CA MET A 2 32.10 -8.95 -21.38
C MET A 2 30.71 -8.58 -22.03
N LYS A 3 29.66 -8.55 -21.24
CA LYS A 3 28.37 -8.27 -21.78
C LYS A 3 28.21 -6.75 -21.99
N ARG A 4 27.50 -6.41 -23.04
CA ARG A 4 27.07 -5.04 -23.32
C ARG A 4 25.87 -4.69 -22.45
N VAL A 5 25.98 -3.57 -21.76
CA VAL A 5 24.85 -2.98 -20.99
C VAL A 5 24.18 -1.98 -21.89
N GLN A 6 22.92 -2.22 -22.22
CA GLN A 6 22.25 -1.38 -23.20
C GLN A 6 21.85 -0.06 -22.54
N PRO A 7 21.76 1.01 -23.36
CA PRO A 7 21.37 2.31 -22.79
C PRO A 7 19.92 2.30 -22.18
N CYS A 8 19.71 3.11 -21.14
CA CYS A 8 18.43 3.15 -20.45
C CYS A 8 17.37 3.82 -21.31
N SER A 9 16.18 3.22 -21.37
CA SER A 9 15.09 3.81 -22.19
C SER A 9 14.18 4.75 -21.38
N LEU A 10 14.38 4.79 -20.06
CA LEU A 10 13.44 5.53 -19.13
C LEU A 10 13.73 7.04 -18.98
N ASP A 11 12.67 7.81 -18.86
CA ASP A 11 12.80 9.22 -18.57
C ASP A 11 13.36 9.38 -17.13
N PRO A 12 13.90 10.55 -16.78
CA PRO A 12 14.59 10.72 -15.48
C PRO A 12 13.68 10.49 -14.28
N ALA A 13 12.42 10.90 -14.37
CA ALA A 13 11.50 10.72 -13.23
C ALA A 13 11.27 9.24 -12.96
N THR A 14 11.09 8.45 -14.01
CA THR A 14 10.85 7.01 -13.88
C THR A 14 12.09 6.28 -13.40
N GLN A 15 13.27 6.72 -13.83
CA GLN A 15 14.51 6.17 -13.38
C GLN A 15 14.63 6.36 -11.90
N LYS A 16 14.28 7.57 -11.45
CA LYS A 16 14.32 7.86 -10.04
C LYS A 16 13.37 7.01 -9.23
N LEU A 17 12.14 6.82 -9.70
CA LEU A 17 11.16 5.99 -9.02
C LEU A 17 11.66 4.54 -8.92
N ILE A 18 12.13 4.01 -10.04
CA ILE A 18 12.66 2.63 -10.09
C ILE A 18 13.89 2.49 -9.19
N THR A 19 14.75 3.49 -9.14
CA THR A 19 15.86 3.49 -8.17
C THR A 19 15.33 3.40 -6.73
N ASN A 20 14.39 4.27 -6.40
CA ASN A 20 13.83 4.38 -5.06
C ASN A 20 13.17 3.10 -4.61
N ILE A 21 12.37 2.47 -5.47
CA ILE A 21 11.49 1.40 -4.99
C ILE A 21 12.18 0.08 -4.89
N PHE A 22 13.37 -0.03 -5.50
CA PHE A 22 14.25 -1.18 -5.35
C PHE A 22 15.51 -0.94 -4.52
N SER A 23 15.60 0.21 -3.86
CA SER A 23 16.82 0.62 -3.19
C SER A 23 17.07 -0.23 -1.94
N LYS A 24 18.26 -0.84 -1.88
CA LYS A 24 18.62 -1.58 -0.69
C LYS A 24 18.63 -0.70 0.58
N GLU A 25 19.11 0.53 0.47
CA GLU A 25 19.09 1.44 1.61
C GLU A 25 17.62 1.71 2.05
N MET A 26 16.72 1.91 1.09
CA MET A 26 15.34 2.17 1.42
C MET A 26 14.75 0.96 2.21
N PHE A 27 15.02 -0.23 1.70
CA PHE A 27 14.51 -1.44 2.38
C PHE A 27 15.05 -1.62 3.81
N LYS A 28 16.36 -1.47 3.93
CA LYS A 28 16.99 -1.54 5.23
C LYS A 28 16.48 -0.44 6.19
N ASN A 29 16.24 0.77 5.67
CA ASN A 29 15.69 1.90 6.47
C ASN A 29 14.35 1.51 7.02
N THR A 30 13.53 0.99 6.13
CA THR A 30 12.21 0.53 6.47
C THR A 30 12.30 -0.53 7.59
N MET A 31 13.22 -1.50 7.45
CA MET A 31 13.41 -2.50 8.50
C MET A 31 13.83 -1.86 9.81
N ALA A 32 14.75 -0.91 9.75
CA ALA A 32 15.17 -0.19 10.98
C ALA A 32 13.98 0.60 11.60
N LEU A 33 13.14 1.17 10.77
CA LEU A 33 12.02 1.93 11.24
C LEU A 33 10.97 1.04 11.88
N MET A 34 10.94 -0.24 11.51
CA MET A 34 10.05 -1.21 12.20
C MET A 34 10.74 -1.97 13.32
N ASP A 35 11.90 -1.49 13.77
CA ASP A 35 12.63 -2.15 14.87
C ASP A 35 13.26 -3.48 14.56
N LEU A 36 13.48 -3.79 13.27
CA LEU A 36 14.11 -5.08 12.94
C LEU A 36 15.61 -5.04 13.00
N ASP A 37 16.23 -6.16 13.36
CA ASP A 37 17.69 -6.20 13.41
C ASP A 37 18.27 -6.49 12.03
N VAL A 38 18.68 -5.44 11.33
CA VAL A 38 19.13 -5.61 9.93
C VAL A 38 20.45 -6.38 9.78
N LYS A 39 21.31 -6.32 10.80
CA LYS A 39 22.55 -7.07 10.82
C LYS A 39 22.29 -8.58 10.88
N LYS A 40 21.29 -8.99 11.67
CA LYS A 40 20.90 -10.39 11.78
C LYS A 40 19.88 -10.83 10.73
N MET A 41 19.31 -9.89 9.99
CA MET A 41 18.27 -10.22 9.00
C MET A 41 18.56 -9.43 7.76
N PRO A 42 19.72 -9.66 7.12
CA PRO A 42 20.06 -8.89 5.93
C PRO A 42 19.14 -9.25 4.78
N LEU A 43 19.03 -8.37 3.80
CA LEU A 43 18.01 -8.53 2.76
C LEU A 43 18.10 -9.85 2.00
N GLY A 44 19.34 -10.26 1.69
CA GLY A 44 19.57 -11.49 0.92
C GLY A 44 19.29 -12.77 1.67
N LYS A 45 19.04 -12.65 2.96
CA LYS A 45 18.79 -13.81 3.82
C LYS A 45 17.32 -13.95 4.17
N LEU A 46 16.53 -12.90 3.92
CA LEU A 46 15.07 -12.99 4.14
C LEU A 46 14.45 -14.09 3.29
N SER A 47 13.63 -14.90 3.89
CA SER A 47 13.02 -15.99 3.17
C SER A 47 11.54 -16.09 3.46
N LYS A 48 10.84 -16.71 2.52
CA LYS A 48 9.44 -16.95 2.67
C LYS A 48 9.14 -17.85 3.87
N GLN A 49 9.98 -18.86 4.07
CA GLN A 49 9.90 -19.73 5.24
C GLN A 49 9.99 -18.96 6.56
N GLN A 50 10.90 -18.02 6.62
CA GLN A 50 11.07 -17.25 7.85
C GLN A 50 9.82 -16.49 8.18
N ILE A 51 9.34 -15.81 7.13
CA ILE A 51 8.14 -15.03 7.24
C ILE A 51 6.95 -15.88 7.65
N ALA A 52 6.79 -17.06 7.04
CA ALA A 52 5.74 -18.04 7.44
C ALA A 52 5.81 -18.39 8.91
N ARG A 53 7.00 -18.67 9.37
CA ARG A 53 7.20 -19.02 10.78
C ARG A 53 6.84 -17.86 11.72
N GLY A 54 7.18 -16.65 11.31
CA GLY A 54 6.82 -15.46 12.08
C GLY A 54 5.32 -15.34 12.19
N PHE A 55 4.60 -15.55 11.09
CA PHE A 55 3.13 -15.50 11.19
C PHE A 55 2.55 -16.60 12.11
N GLU A 56 3.10 -17.83 12.04
CA GLU A 56 2.72 -18.93 12.96
C GLU A 56 2.96 -18.47 14.40
N ALA A 57 4.10 -17.85 14.64
CA ALA A 57 4.42 -17.32 16.00
C ALA A 57 3.38 -16.32 16.50
N LEU A 58 2.92 -15.45 15.61
CA LEU A 58 1.91 -14.51 15.97
C LEU A 58 0.54 -15.16 16.14
N GLU A 59 0.28 -16.19 15.32
CA GLU A 59 -0.94 -16.96 15.48
C GLU A 59 -1.04 -17.58 16.90
N ALA A 60 0.07 -18.14 17.38
CA ALA A 60 0.11 -18.70 18.74
C ALA A 60 -0.08 -17.63 19.81
N LEU A 61 0.42 -16.39 19.57
CA LEU A 61 0.21 -15.30 20.51
C LEU A 61 -1.27 -14.87 20.50
N GLU A 62 -1.87 -14.86 19.30
CA GLU A 62 -3.26 -14.44 19.17
C GLU A 62 -4.14 -15.40 19.96
N GLU A 63 -3.84 -16.67 19.85
CA GLU A 63 -4.61 -17.67 20.60
C GLU A 63 -4.45 -17.42 22.12
N ALA A 64 -3.23 -17.23 22.59
CA ALA A 64 -3.01 -16.95 24.02
C ALA A 64 -3.74 -15.70 24.51
N LEU A 65 -3.78 -14.66 23.70
CA LEU A 65 -4.46 -13.41 24.04
C LEU A 65 -5.99 -13.48 24.09
N LYS A 66 -6.57 -14.51 23.50
CA LYS A 66 -8.01 -14.79 23.68
C LYS A 66 -8.18 -15.92 24.69
N ASP A 70 -5.59 -21.48 30.12
CA ASP A 70 -5.55 -22.79 29.44
C ASP A 70 -4.31 -23.60 29.78
N GLY A 71 -3.33 -22.97 30.44
CA GLY A 71 -2.05 -23.64 30.72
C GLY A 71 -1.10 -23.60 29.55
N GLY A 72 -1.36 -22.69 28.59
CA GLY A 72 -0.48 -22.57 27.44
C GLY A 72 0.79 -21.88 27.87
N GLN A 73 1.70 -21.72 26.93
CA GLN A 73 2.89 -20.90 27.17
C GLN A 73 2.51 -19.44 27.51
N SER A 74 3.26 -18.79 28.40
CA SER A 74 3.01 -17.36 28.71
C SER A 74 3.25 -16.47 27.49
N LEU A 75 2.77 -15.24 27.56
CA LEU A 75 2.95 -14.29 26.47
C LEU A 75 4.44 -13.98 26.30
N GLU A 76 5.17 -13.93 27.42
CA GLU A 76 6.62 -13.77 27.39
C GLU A 76 7.34 -14.87 26.63
N GLU A 77 7.01 -16.12 26.92
CA GLU A 77 7.67 -17.24 26.22
C GLU A 77 7.33 -17.20 24.73
N LEU A 78 6.07 -16.91 24.41
CA LEU A 78 5.61 -17.00 23.04
C LEU A 78 6.15 -15.82 22.23
N SER A 79 6.28 -14.66 22.88
CA SER A 79 7.00 -13.49 22.33
C SER A 79 8.45 -13.81 22.04
N SER A 80 9.11 -14.39 23.03
CA SER A 80 10.46 -14.76 22.89
C SER A 80 10.68 -15.69 21.67
N HIS A 81 9.76 -16.63 21.45
CA HIS A 81 9.82 -17.42 20.23
C HIS A 81 9.76 -16.53 18.97
N PHE A 82 8.76 -15.66 18.89
CA PHE A 82 8.59 -14.72 17.75
C PHE A 82 9.89 -13.93 17.48
N TYR A 83 10.50 -13.46 18.54
CA TYR A 83 11.70 -12.65 18.38
C TYR A 83 12.88 -13.48 17.95
N THR A 84 12.92 -14.75 18.30
CA THR A 84 13.93 -15.64 17.76
C THR A 84 13.77 -15.80 16.27
N VAL A 85 12.53 -15.94 15.81
CA VAL A 85 12.25 -16.06 14.39
C VAL A 85 12.48 -14.80 13.58
N ILE A 86 12.07 -13.66 14.13
CA ILE A 86 12.15 -12.37 13.48
C ILE A 86 12.99 -11.44 14.38
N PRO A 87 14.32 -11.38 14.17
CA PRO A 87 15.17 -10.60 15.09
C PRO A 87 14.85 -9.11 15.11
N HIS A 88 14.73 -8.55 16.32
CA HIS A 88 14.44 -7.14 16.51
C HIS A 88 15.62 -6.47 17.18
N ASN A 89 15.70 -5.15 17.01
CA ASN A 89 16.77 -4.36 17.60
C ASN A 89 16.15 -3.28 18.47
N PHE A 90 16.45 -3.37 19.75
CA PHE A 90 16.04 -2.34 20.71
C PHE A 90 17.27 -1.93 21.52
N GLY A 91 18.31 -1.53 20.80
CA GLY A 91 19.61 -1.22 21.41
C GLY A 91 20.09 -2.31 22.33
N HIS A 92 20.11 -3.55 21.85
CA HIS A 92 20.48 -4.71 22.70
C HIS A 92 19.91 -4.70 24.15
N SER A 93 18.67 -4.21 24.31
CA SER A 93 17.85 -4.48 25.51
C SER A 93 16.89 -5.57 25.10
N GLN A 94 16.21 -6.18 26.04
CA GLN A 94 15.38 -7.34 25.70
C GLN A 94 13.99 -6.88 25.20
N PRO A 95 13.59 -7.33 23.98
CA PRO A 95 12.40 -6.74 23.32
C PRO A 95 11.16 -6.99 24.16
N PRO A 96 10.06 -6.22 23.90
CA PRO A 96 8.93 -6.26 24.81
C PRO A 96 7.84 -7.30 24.42
N PRO A 97 7.10 -7.79 25.42
CA PRO A 97 6.15 -8.87 25.20
C PRO A 97 4.95 -8.37 24.43
N ILE A 98 4.41 -9.23 23.56
CA ILE A 98 3.33 -8.85 22.67
C ILE A 98 2.04 -9.27 23.40
N ASN A 99 1.43 -8.30 24.07
CA ASN A 99 0.43 -8.59 25.09
C ASN A 99 -0.83 -7.77 25.05
N SER A 100 -1.11 -7.19 23.88
CA SER A 100 -2.36 -6.45 23.61
C SER A 100 -2.75 -6.71 22.17
N PRO A 101 -4.03 -6.62 21.85
CA PRO A 101 -4.46 -6.69 20.45
C PRO A 101 -3.79 -5.66 19.55
N GLU A 102 -3.51 -4.48 20.10
CA GLU A 102 -2.95 -3.40 19.31
C GLU A 102 -1.52 -3.75 18.84
N LEU A 103 -0.73 -4.28 19.75
CA LEU A 103 0.63 -4.64 19.45
C LEU A 103 0.70 -5.86 18.56
N LEU A 104 -0.26 -6.76 18.74
CA LEU A 104 -0.32 -7.94 17.88
C LEU A 104 -0.56 -7.49 16.43
N GLN A 105 -1.56 -6.62 16.21
CA GLN A 105 -1.79 -6.14 14.85
C GLN A 105 -0.55 -5.36 14.32
N ALA A 106 0.15 -4.58 15.16
CA ALA A 106 1.38 -3.88 14.72
C ALA A 106 2.45 -4.89 14.20
N LYS A 107 2.62 -5.97 14.91
CA LYS A 107 3.58 -7.01 14.46
C LYS A 107 3.08 -7.73 13.22
N LYS A 108 1.77 -7.96 13.12
CA LYS A 108 1.23 -8.58 11.89
C LYS A 108 1.48 -7.68 10.67
N ASP A 109 1.28 -6.37 10.87
CA ASP A 109 1.53 -5.36 9.83
C ASP A 109 3.01 -5.21 9.45
N MET A 110 3.90 -5.24 10.46
CA MET A 110 5.31 -5.35 10.20
C MET A 110 5.64 -6.54 9.32
N LEU A 111 5.10 -7.72 9.59
CA LEU A 111 5.46 -8.90 8.77
C LEU A 111 4.94 -8.84 7.36
N LEU A 112 3.80 -8.20 7.23
CA LEU A 112 3.17 -7.91 5.91
C LEU A 112 4.09 -7.03 5.05
N VAL A 113 4.67 -6.02 5.69
CA VAL A 113 5.64 -5.14 5.02
C VAL A 113 6.88 -5.97 4.63
N LEU A 114 7.41 -6.74 5.59
CA LEU A 114 8.55 -7.58 5.39
C LEU A 114 8.31 -8.63 4.26
N ALA A 115 7.10 -9.16 4.17
CA ALA A 115 6.70 -10.07 3.09
C ALA A 115 6.85 -9.39 1.72
N ASP A 116 6.52 -8.11 1.63
CA ASP A 116 6.68 -7.40 0.39
C ASP A 116 8.14 -7.02 0.09
N ILE A 117 8.93 -6.85 1.13
CA ILE A 117 10.35 -6.62 0.95
C ILE A 117 10.97 -7.89 0.40
N GLU A 118 10.64 -9.03 0.99
CA GLU A 118 11.11 -10.32 0.53
C GLU A 118 10.67 -10.58 -0.95
N LEU A 119 9.45 -10.17 -1.30
CA LEU A 119 8.98 -10.34 -2.70
C LEU A 119 9.86 -9.54 -3.66
N ALA A 120 10.22 -8.29 -3.28
CA ALA A 120 11.03 -7.46 -4.15
C ALA A 120 12.42 -8.09 -4.31
N GLN A 121 12.93 -8.72 -3.26
CA GLN A 121 14.23 -9.41 -3.36
C GLN A 121 14.13 -10.64 -4.25
N ALA A 122 13.12 -11.47 -4.01
CA ALA A 122 12.87 -12.65 -4.81
C ALA A 122 12.71 -12.26 -6.29
N LEU A 123 12.08 -11.13 -6.53
CA LEU A 123 11.77 -10.70 -7.88
C LEU A 123 13.05 -10.38 -8.62
N GLN A 124 14.04 -9.91 -7.90
CA GLN A 124 15.28 -9.45 -8.53
C GLN A 124 16.28 -10.56 -8.82
N ALA A 125 15.98 -11.79 -8.40
CA ALA A 125 16.86 -12.96 -8.66
C ALA A 125 17.19 -13.03 -10.15
N VAL A 126 18.48 -13.18 -10.45
CA VAL A 126 18.94 -13.27 -11.84
C VAL A 126 18.57 -14.62 -12.47
N SER A 127 17.80 -14.58 -13.55
CA SER A 127 17.36 -15.80 -14.24
C SER A 127 18.49 -16.40 -15.10
N GLU A 128 18.19 -17.55 -15.68
CA GLU A 128 19.17 -18.26 -16.50
C GLU A 128 19.38 -17.65 -17.87
N GLN A 129 18.28 -17.30 -18.55
CA GLN A 129 18.41 -16.65 -19.85
C GLN A 129 19.24 -15.37 -19.70
N GLU A 130 19.16 -14.73 -18.54
CA GLU A 130 19.93 -13.51 -18.29
C GLU A 130 21.43 -13.81 -18.17
N LYS A 131 21.77 -14.98 -17.63
CA LYS A 131 23.17 -15.42 -17.54
C LYS A 131 23.75 -15.82 -18.95
N THR A 132 22.88 -16.29 -19.84
CA THR A 132 23.33 -16.67 -21.19
C THR A 132 23.33 -15.54 -22.31
N VAL A 133 22.43 -14.55 -22.28
CA VAL A 133 22.41 -13.48 -23.30
C VAL A 133 23.70 -12.69 -23.29
N GLU A 134 24.11 -12.17 -24.46
CA GLU A 134 25.37 -11.42 -24.50
C GLU A 134 25.25 -9.90 -24.28
N GLU A 135 24.02 -9.41 -24.17
CA GLU A 135 23.74 -8.04 -23.88
C GLU A 135 22.62 -8.04 -22.85
N VAL A 136 22.66 -7.08 -21.94
CA VAL A 136 21.68 -6.95 -20.88
C VAL A 136 21.09 -5.51 -20.92
N PRO A 137 19.80 -5.36 -20.48
CA PRO A 137 19.22 -4.04 -20.33
C PRO A 137 19.99 -3.26 -19.26
N HIS A 138 19.97 -1.96 -19.35
CA HIS A 138 20.33 -1.14 -18.23
C HIS A 138 19.62 -1.67 -16.96
N PRO A 139 20.30 -1.69 -15.82
CA PRO A 139 19.70 -2.19 -14.54
C PRO A 139 18.30 -1.64 -14.25
N LEU A 140 18.08 -0.35 -14.57
CA LEU A 140 16.77 0.30 -14.33
C LEU A 140 15.69 -0.14 -15.33
N ASP A 141 16.10 -0.41 -16.58
CA ASP A 141 15.19 -1.06 -17.52
C ASP A 141 14.87 -2.48 -17.05
N ARG A 142 15.86 -3.17 -16.50
CA ARG A 142 15.64 -4.53 -16.10
C ARG A 142 14.67 -4.52 -14.91
N ASP A 143 14.90 -3.61 -13.99
CA ASP A 143 14.07 -3.57 -12.78
C ASP A 143 12.66 -3.16 -13.16
N TYR A 144 12.51 -2.14 -13.99
CA TYR A 144 11.20 -1.77 -14.51
C TYR A 144 10.45 -2.97 -15.14
N GLN A 145 11.16 -3.77 -15.96
CA GLN A 145 10.56 -4.89 -16.68
C GLN A 145 10.09 -6.00 -15.76
N LEU A 146 10.83 -6.25 -14.70
CA LEU A 146 10.39 -7.16 -13.64
C LEU A 146 9.00 -6.90 -13.07
N LEU A 147 8.56 -5.65 -13.07
CA LEU A 147 7.29 -5.29 -12.48
C LEU A 147 6.13 -5.84 -13.33
N LYS A 148 6.37 -6.12 -14.60
CA LYS A 148 5.29 -6.43 -15.53
C LYS A 148 4.09 -5.47 -15.40
N CYS A 149 4.43 -4.18 -15.40
CA CYS A 149 3.47 -3.09 -15.12
C CYS A 149 3.84 -1.91 -15.96
N GLN A 150 2.92 -1.36 -16.73
CA GLN A 150 3.29 -0.22 -17.56
C GLN A 150 3.10 1.05 -16.76
N LEU A 151 4.13 1.90 -16.76
CA LEU A 151 4.02 3.19 -16.13
C LEU A 151 4.18 4.24 -17.20
N GLN A 152 3.30 5.21 -17.25
CA GLN A 152 3.47 6.29 -18.22
C GLN A 152 3.40 7.60 -17.46
N LEU A 153 4.50 8.32 -17.48
CA LEU A 153 4.60 9.61 -16.82
C LEU A 153 3.68 10.57 -17.54
N LEU A 154 2.89 11.32 -16.76
CA LEU A 154 1.96 12.26 -17.34
C LEU A 154 2.54 13.64 -17.35
N ASP A 155 2.26 14.44 -18.39
CA ASP A 155 2.53 15.90 -18.24
C ASP A 155 1.33 16.74 -17.89
N SER A 156 1.62 18.00 -17.53
CA SER A 156 0.69 19.01 -17.00
C SER A 156 -0.63 19.18 -17.74
N GLY A 157 -0.62 18.83 -19.02
CA GLY A 157 -1.81 18.92 -19.83
C GLY A 157 -2.44 17.58 -20.25
N ALA A 158 -2.03 16.45 -19.65
CA ALA A 158 -2.84 15.20 -19.66
C ALA A 158 -4.25 15.54 -19.14
N PRO A 159 -5.29 14.91 -19.71
CA PRO A 159 -6.65 15.29 -19.40
C PRO A 159 -7.00 15.06 -17.95
N GLU A 160 -6.43 14.07 -17.31
CA GLU A 160 -6.73 13.82 -15.92
C GLU A 160 -5.82 14.63 -14.95
N TYR A 161 -4.75 15.26 -15.46
CA TYR A 161 -3.76 15.92 -14.57
C TYR A 161 -4.32 16.94 -13.58
N LYS A 162 -5.15 17.88 -14.05
CA LYS A 162 -5.69 18.94 -13.18
C LYS A 162 -6.71 18.41 -12.20
N VAL A 163 -7.46 17.44 -12.68
CA VAL A 163 -8.41 16.78 -11.83
C VAL A 163 -7.70 16.10 -10.64
N ILE A 164 -6.59 15.41 -10.91
CA ILE A 164 -5.82 14.76 -9.87
C ILE A 164 -5.17 15.76 -8.88
N GLN A 165 -4.59 16.82 -9.46
CA GLN A 165 -3.95 17.84 -8.72
C GLN A 165 -5.00 18.45 -7.83
N THR A 166 -6.20 18.69 -8.35
CA THR A 166 -7.28 19.29 -7.55
C THR A 166 -7.70 18.38 -6.38
N TYR A 167 -7.80 17.08 -6.65
CA TYR A 167 -8.13 16.11 -5.60
C TYR A 167 -7.07 16.14 -4.50
N LEU A 168 -5.79 16.11 -4.90
CA LEU A 168 -4.71 16.24 -3.93
C LEU A 168 -4.79 17.51 -3.11
N GLU A 169 -4.93 18.65 -3.78
CA GLU A 169 -4.84 19.93 -3.12
C GLU A 169 -6.05 20.18 -2.21
N GLN A 170 -7.25 19.85 -2.67
CA GLN A 170 -8.46 20.13 -1.94
C GLN A 170 -8.69 19.22 -0.75
N THR A 171 -8.15 18.00 -0.79
CA THR A 171 -8.38 17.07 0.29
C THR A 171 -7.15 16.72 1.10
N GLY A 172 -5.99 17.26 0.71
CA GLY A 172 -4.79 17.18 1.53
C GLY A 172 -4.73 18.12 2.72
N SER A 173 -3.73 18.00 3.57
CA SER A 173 -3.70 18.83 4.81
C SER A 173 -3.75 20.28 4.50
N ASN A 174 -4.50 21.02 5.31
CA ASN A 174 -4.65 22.44 5.06
C ASN A 174 -3.38 23.23 5.27
N HIS A 175 -2.58 22.85 6.26
CA HIS A 175 -1.41 23.69 6.58
C HIS A 175 -0.10 23.35 5.84
N ARG A 176 0.08 22.08 5.50
CA ARG A 176 1.31 21.58 4.85
C ARG A 176 0.96 20.45 3.81
N CYS A 177 0.22 20.82 2.78
CA CYS A 177 -0.26 19.87 1.78
C CYS A 177 0.91 19.20 1.06
N PRO A 178 0.85 17.88 0.81
CA PRO A 178 1.97 17.32 0.07
C PRO A 178 2.15 18.01 -1.27
N THR A 179 3.39 18.21 -1.69
CA THR A 179 3.68 18.86 -2.97
C THR A 179 3.77 17.82 -4.11
N LEU A 180 2.93 17.98 -5.11
CA LEU A 180 2.96 17.07 -6.26
C LEU A 180 4.26 17.19 -7.09
N GLN A 181 4.99 16.09 -7.26
CA GLN A 181 6.16 16.11 -8.17
C GLN A 181 5.85 15.46 -9.51
N HIS A 182 5.34 14.21 -9.49
CA HIS A 182 5.03 13.45 -10.74
C HIS A 182 3.77 12.63 -10.58
N ILE A 183 3.12 12.34 -11.69
CA ILE A 183 2.03 11.40 -11.71
C ILE A 183 2.33 10.44 -12.82
N TRP A 184 2.26 9.13 -12.52
CA TRP A 184 2.28 8.13 -13.57
C TRP A 184 0.89 7.46 -13.70
N LYS A 185 0.47 7.19 -14.93
CA LYS A 185 -0.63 6.26 -15.17
C LYS A 185 -0.08 4.83 -14.98
N VAL A 186 -0.84 4.02 -14.26
CA VAL A 186 -0.44 2.65 -13.94
C VAL A 186 -1.34 1.71 -14.69
N ASN A 187 -0.76 0.82 -15.50
CA ASN A 187 -1.53 -0.19 -16.21
C ASN A 187 -0.92 -1.53 -15.94
N GLN A 188 -1.44 -2.15 -14.88
CA GLN A 188 -1.00 -3.43 -14.46
C GLN A 188 -1.96 -4.36 -15.13
N GLU A 189 -1.51 -4.96 -16.22
CA GLU A 189 -2.32 -5.92 -16.94
C GLU A 189 -2.45 -7.27 -16.20
N GLY A 190 -3.62 -7.87 -16.35
CA GLY A 190 -3.93 -9.03 -15.53
C GLY A 190 -4.62 -8.54 -14.28
N GLU A 191 -4.69 -7.20 -14.12
CA GLU A 191 -5.78 -6.60 -13.36
C GLU A 191 -7.01 -6.42 -14.25
N GLU A 192 -6.80 -6.32 -15.57
CA GLU A 192 -7.88 -5.96 -16.51
C GLU A 192 -9.09 -6.91 -16.45
N ASP A 193 -8.84 -8.21 -16.41
CA ASP A 193 -9.91 -9.21 -16.54
C ASP A 193 -10.75 -9.31 -15.27
N ARG A 194 -10.11 -9.44 -14.12
CA ARG A 194 -10.85 -9.53 -12.84
C ARG A 194 -11.71 -8.28 -12.59
N PHE A 195 -11.18 -7.12 -12.95
CA PHE A 195 -11.89 -5.84 -12.77
C PHE A 195 -13.08 -5.66 -13.75
N GLN A 196 -12.86 -6.15 -14.97
CA GLN A 196 -13.92 -6.34 -15.99
C GLN A 196 -15.12 -7.12 -15.43
N ALA A 197 -14.86 -8.07 -14.52
CA ALA A 197 -15.94 -8.79 -13.83
C ALA A 197 -17.02 -7.81 -13.27
N HIS A 198 -16.58 -6.80 -12.53
CA HIS A 198 -17.50 -5.85 -11.88
C HIS A 198 -18.03 -4.68 -12.77
N SER A 199 -17.87 -4.80 -14.09
CA SER A 199 -18.33 -3.79 -15.06
C SER A 199 -19.80 -3.33 -14.94
N LYS A 200 -20.69 -4.19 -14.41
CA LYS A 200 -22.10 -3.81 -14.25
C LYS A 200 -22.26 -2.95 -12.97
N LEU A 201 -21.36 -3.18 -12.00
CA LEU A 201 -21.33 -2.47 -10.72
C LEU A 201 -21.04 -1.00 -10.94
N GLY A 202 -22.08 -0.18 -10.79
CA GLY A 202 -21.90 1.23 -10.87
C GLY A 202 -21.16 1.65 -9.60
N ASN A 203 -21.35 2.89 -9.24
CA ASN A 203 -20.69 3.44 -8.12
C ASN A 203 -19.17 3.11 -8.07
N ARG A 204 -18.46 3.64 -9.03
CA ARG A 204 -17.00 3.61 -9.02
C ARG A 204 -16.48 4.92 -8.47
N LYS A 205 -15.41 4.85 -7.64
CA LYS A 205 -14.80 6.04 -7.10
C LYS A 205 -13.25 5.95 -7.18
N LEU A 206 -12.62 7.05 -7.53
CA LEU A 206 -11.16 7.10 -7.51
C LEU A 206 -10.76 7.48 -6.07
N LEU A 207 -9.96 6.64 -5.44
CA LEU A 207 -9.68 6.75 -4.01
C LEU A 207 -8.19 6.60 -3.70
N TRP A 208 -7.76 7.25 -2.62
CA TRP A 208 -6.35 7.23 -2.23
C TRP A 208 -6.00 5.98 -1.50
N HIS A 209 -4.80 5.46 -1.79
CA HIS A 209 -4.19 4.44 -0.95
C HIS A 209 -2.73 4.85 -0.76
N GLY A 210 -2.39 5.34 0.43
CA GLY A 210 -1.00 5.67 0.76
C GLY A 210 -0.26 4.47 1.32
N THR A 211 1.00 4.25 0.96
CA THR A 211 1.82 3.20 1.61
C THR A 211 3.29 3.58 1.86
N ASN A 212 4.01 2.68 2.55
CA ASN A 212 5.45 2.58 2.64
C ASN A 212 6.09 2.51 1.25
N MET A 213 7.19 3.17 1.06
CA MET A 213 7.95 2.99 -0.13
C MET A 213 8.40 1.52 -0.34
N ALA A 214 8.60 0.78 0.75
CA ALA A 214 9.08 -0.60 0.68
C ALA A 214 8.06 -1.57 0.12
N VAL A 215 6.79 -1.17 -0.03
CA VAL A 215 5.79 -2.09 -0.60
C VAL A 215 5.33 -1.67 -2.01
N VAL A 216 5.93 -0.61 -2.57
CA VAL A 216 5.45 -0.09 -3.85
C VAL A 216 5.75 -1.11 -4.99
N ALA A 217 6.94 -1.72 -5.00
CA ALA A 217 7.31 -2.64 -6.03
C ALA A 217 6.32 -3.81 -6.04
N ALA A 218 6.05 -4.32 -4.85
CA ALA A 218 5.12 -5.44 -4.69
C ALA A 218 3.76 -5.04 -5.21
N ILE A 219 3.30 -3.86 -4.83
CA ILE A 219 1.97 -3.43 -5.33
C ILE A 219 1.94 -3.33 -6.85
N LEU A 220 2.96 -2.73 -7.43
CA LEU A 220 3.04 -2.67 -8.88
C LEU A 220 3.05 -4.07 -9.52
N THR A 221 3.66 -5.06 -8.89
CA THR A 221 3.68 -6.42 -9.51
C THR A 221 2.36 -7.18 -9.35
N SER A 222 1.66 -6.94 -8.26
CA SER A 222 0.55 -7.78 -7.85
C SER A 222 -0.79 -7.08 -7.49
N GLY A 223 -0.83 -5.74 -7.53
CA GLY A 223 -2.02 -5.03 -7.10
C GLY A 223 -2.15 -4.97 -5.58
N LEU A 224 -3.22 -4.31 -5.11
CA LEU A 224 -3.48 -4.25 -3.66
C LEU A 224 -4.11 -5.56 -3.27
N ARG A 225 -3.68 -6.10 -2.16
CA ARG A 225 -3.98 -7.46 -1.78
C ARG A 225 -4.52 -7.55 -0.35
N ILE A 226 -5.23 -8.63 -0.04
CA ILE A 226 -5.72 -8.92 1.30
C ILE A 226 -5.04 -10.22 1.69
N MET A 227 -4.45 -10.23 2.89
CA MET A 227 -3.82 -11.44 3.41
C MET A 227 -4.53 -11.95 4.64
N PRO A 228 -4.25 -13.21 4.97
CA PRO A 228 -4.87 -13.77 6.14
C PRO A 228 -4.73 -12.93 7.38
N HIS A 229 -3.65 -12.18 7.53
CA HIS A 229 -3.47 -11.41 8.73
C HIS A 229 -3.73 -9.92 8.58
N SER A 230 -4.27 -9.53 7.41
CA SER A 230 -4.66 -8.14 7.17
C SER A 230 -5.68 -7.73 8.22
N GLY A 231 -5.62 -6.49 8.70
CA GLY A 231 -6.58 -6.09 9.73
C GLY A 231 -6.60 -4.61 9.90
N GLY A 232 -7.40 -4.14 10.86
CA GLY A 232 -7.52 -2.70 11.04
C GLY A 232 -8.88 -2.42 11.59
N ARG A 233 -9.27 -1.14 11.55
CA ARG A 233 -10.45 -0.67 12.26
C ARG A 233 -11.73 -1.16 11.62
N VAL A 234 -11.67 -1.61 10.36
CA VAL A 234 -12.82 -2.07 9.59
C VAL A 234 -12.56 -3.47 9.02
N GLY A 235 -11.68 -4.19 9.69
CA GLY A 235 -11.46 -5.61 9.42
C GLY A 235 -10.48 -5.94 8.29
N LYS A 236 -10.69 -7.12 7.70
CA LYS A 236 -9.76 -7.79 6.77
C LYS A 236 -10.08 -7.42 5.30
N GLY A 237 -9.69 -6.22 4.92
CA GLY A 237 -9.95 -5.79 3.55
C GLY A 237 -8.89 -4.88 3.07
N ILE A 238 -9.15 -4.19 1.97
CA ILE A 238 -8.21 -3.22 1.42
C ILE A 238 -8.82 -1.82 1.75
N TYR A 239 -8.00 -0.95 2.34
CA TYR A 239 -8.38 0.35 2.82
C TYR A 239 -8.00 1.44 1.88
N PHE A 240 -8.93 2.39 1.72
CA PHE A 240 -8.79 3.62 0.94
C PHE A 240 -9.37 4.81 1.70
N ALA A 241 -9.04 6.00 1.24
CA ALA A 241 -9.61 7.22 1.78
C ALA A 241 -9.95 8.16 0.65
N SER A 242 -11.05 8.92 0.83
CA SER A 242 -11.40 9.99 -0.06
C SER A 242 -10.66 11.28 0.27
N GLU A 243 -10.04 11.36 1.44
CA GLU A 243 -9.26 12.58 1.81
C GLU A 243 -7.82 12.20 1.76
N ASN A 244 -7.07 12.85 0.88
CA ASN A 244 -5.65 12.61 0.76
C ASN A 244 -4.90 12.64 2.10
N SER A 245 -5.29 13.61 2.95
CA SER A 245 -4.70 13.77 4.27
C SER A 245 -4.80 12.52 5.15
N LYS A 246 -5.90 11.77 5.07
CA LYS A 246 -6.02 10.47 5.77
C LYS A 246 -4.98 9.44 5.26
N SER A 247 -4.94 9.21 3.94
CA SER A 247 -3.95 8.33 3.35
C SER A 247 -2.50 8.71 3.53
N ALA A 248 -2.25 10.01 3.59
CA ALA A 248 -0.89 10.55 3.72
C ALA A 248 -0.28 10.16 5.07
N GLY A 249 -1.15 10.00 6.08
CA GLY A 249 -0.78 9.53 7.40
C GLY A 249 -0.11 8.18 7.37
N TYR A 250 -0.36 7.41 6.31
CA TYR A 250 0.27 6.12 6.13
C TYR A 250 1.55 6.11 5.32
N VAL A 251 1.91 7.25 4.74
CA VAL A 251 3.14 7.37 3.98
C VAL A 251 4.26 7.71 4.98
N ILE A 252 5.33 6.93 5.05
CA ILE A 252 6.46 7.29 5.95
C ILE A 252 7.33 8.34 5.31
N GLY A 253 7.77 8.04 4.09
CA GLY A 253 8.54 9.00 3.29
C GLY A 253 10.04 8.99 3.64
N MET A 254 10.89 8.88 2.63
CA MET A 254 12.32 8.74 2.85
C MET A 254 13.03 10.05 2.50
N LYS A 255 13.95 10.44 3.40
CA LYS A 255 14.88 11.56 3.21
C LYS A 255 15.80 11.30 2.02
N CYS A 256 15.70 12.19 1.03
CA CYS A 256 16.55 12.17 -0.17
C CYS A 256 17.12 13.58 -0.37
N GLY A 257 18.42 13.73 -0.17
CA GLY A 257 19.01 15.07 -0.16
C GLY A 257 18.26 15.89 0.88
N ALA A 258 17.80 17.07 0.48
CA ALA A 258 17.08 17.99 1.39
C ALA A 258 15.55 17.79 1.37
N HIS A 259 15.07 16.74 0.70
CA HIS A 259 13.63 16.49 0.52
C HIS A 259 13.18 15.22 1.22
N HIS A 260 11.88 15.10 1.42
CA HIS A 260 11.24 13.94 2.00
C HIS A 260 10.31 13.37 0.93
N VAL A 261 10.69 12.26 0.30
CA VAL A 261 9.97 11.69 -0.86
C VAL A 261 8.98 10.61 -0.44
N GLY A 262 7.78 10.67 -0.97
CA GLY A 262 6.73 9.68 -0.71
C GLY A 262 5.88 9.34 -1.94
N TYR A 263 5.22 8.21 -1.87
CA TYR A 263 4.39 7.70 -2.98
C TYR A 263 3.01 7.38 -2.49
N MET A 264 2.02 7.70 -3.32
CA MET A 264 0.61 7.42 -3.03
C MET A 264 -0.05 6.89 -4.33
N PHE A 265 -0.93 5.92 -4.19
CA PHE A 265 -1.70 5.45 -5.29
C PHE A 265 -3.09 6.06 -5.27
N LEU A 266 -3.63 6.17 -6.48
CA LEU A 266 -5.06 6.33 -6.71
C LEU A 266 -5.60 5.03 -7.36
N GLY A 267 -6.58 4.40 -6.73
CA GLY A 267 -7.22 3.20 -7.31
C GLY A 267 -8.65 3.50 -7.75
N GLU A 268 -9.11 2.84 -8.81
CA GLU A 268 -10.52 2.93 -9.16
C GLU A 268 -11.16 1.76 -8.40
N VAL A 269 -12.11 2.10 -7.54
CA VAL A 269 -12.75 1.08 -6.70
C VAL A 269 -14.25 1.00 -7.09
N ALA A 270 -14.69 -0.19 -7.42
CA ALA A 270 -16.05 -0.50 -7.69
C ALA A 270 -16.71 -0.77 -6.35
N LEU A 271 -17.34 0.28 -5.84
CA LEU A 271 -17.90 0.25 -4.47
C LEU A 271 -19.27 -0.45 -4.44
N GLY A 272 -19.93 -0.50 -5.58
CA GLY A 272 -21.34 -0.96 -5.66
C GLY A 272 -22.27 -0.39 -4.58
N ARG A 273 -22.94 -1.30 -3.88
CA ARG A 273 -23.90 -0.91 -2.84
C ARG A 273 -23.17 -0.79 -1.52
N GLU A 274 -23.16 0.43 -1.02
CA GLU A 274 -22.41 0.78 0.18
C GLU A 274 -23.16 0.52 1.49
N HIS A 275 -22.47 -0.12 2.44
CA HIS A 275 -22.91 -0.23 3.82
C HIS A 275 -22.13 0.75 4.63
N HIS A 276 -22.83 1.71 5.22
CA HIS A 276 -22.21 2.74 6.05
C HIS A 276 -22.18 2.34 7.52
N ILE A 277 -21.03 2.48 8.15
CA ILE A 277 -20.95 2.30 9.58
C ILE A 277 -20.40 3.55 10.25
N ASN A 278 -20.62 3.65 11.58
CA ASN A 278 -20.07 4.79 12.33
C ASN A 278 -19.33 4.43 13.59
N THR A 279 -18.98 3.16 13.74
CA THR A 279 -18.18 2.68 14.84
C THR A 279 -17.22 1.62 14.33
N ASP A 280 -16.06 1.48 14.99
CA ASP A 280 -15.04 0.51 14.57
C ASP A 280 -15.58 -0.92 14.59
N ASN A 281 -15.19 -1.73 13.60
CA ASN A 281 -15.44 -3.18 13.64
C ASN A 281 -14.25 -3.97 13.05
N PRO A 282 -13.22 -4.24 13.89
CA PRO A 282 -12.02 -4.97 13.39
C PRO A 282 -12.27 -6.40 12.98
N SER A 283 -13.41 -6.95 13.39
CA SER A 283 -13.81 -8.32 13.06
C SER A 283 -14.43 -8.56 11.67
N LEU A 284 -14.72 -7.50 10.90
CA LEU A 284 -15.31 -7.70 9.58
C LEU A 284 -14.38 -8.41 8.60
N LYS A 285 -14.98 -9.26 7.78
CA LYS A 285 -14.26 -10.00 6.75
C LYS A 285 -14.99 -9.86 5.40
N SER A 286 -16.21 -9.28 5.39
CA SER A 286 -16.93 -8.97 4.16
C SER A 286 -18.02 -7.95 4.46
N PRO A 287 -18.65 -7.34 3.44
CA PRO A 287 -19.79 -6.50 3.77
C PRO A 287 -20.94 -7.39 4.24
N PRO A 288 -21.92 -6.80 4.94
CA PRO A 288 -23.13 -7.58 5.19
C PRO A 288 -23.79 -8.08 3.89
N PRO A 289 -24.56 -9.17 4.01
CA PRO A 289 -25.28 -9.65 2.83
C PRO A 289 -26.01 -8.58 2.02
N GLY A 290 -25.86 -8.65 0.71
CA GLY A 290 -26.45 -7.63 -0.19
C GLY A 290 -25.64 -6.35 -0.40
N PHE A 291 -24.50 -6.23 0.26
CA PHE A 291 -23.66 -5.06 0.03
C PHE A 291 -22.33 -5.39 -0.60
N ASP A 292 -21.71 -4.44 -1.30
CA ASP A 292 -20.45 -4.70 -2.04
C ASP A 292 -19.21 -3.99 -1.38
N SER A 293 -19.49 -3.09 -0.44
CA SER A 293 -18.44 -2.40 0.30
C SER A 293 -18.90 -1.92 1.71
N VAL A 294 -17.93 -1.55 2.55
CA VAL A 294 -18.21 -0.95 3.82
C VAL A 294 -17.49 0.40 3.87
N ILE A 295 -18.22 1.44 4.21
CA ILE A 295 -17.61 2.75 4.35
C ILE A 295 -17.81 3.18 5.80
N ALA A 296 -16.69 3.26 6.52
CA ALA A 296 -16.66 3.83 7.85
C ALA A 296 -16.68 5.32 7.61
N ARG A 297 -17.80 5.96 7.90
CA ARG A 297 -18.07 7.29 7.49
C ARG A 297 -17.48 8.28 8.51
N GLY A 298 -16.71 9.22 8.02
CA GLY A 298 -16.12 10.23 8.89
C GLY A 298 -17.00 11.43 9.16
N HIS A 299 -16.51 12.24 10.09
CA HIS A 299 -17.17 13.48 10.45
C HIS A 299 -17.25 14.43 9.28
N THR A 300 -16.27 14.31 8.38
CA THR A 300 -16.22 15.06 7.16
C THR A 300 -16.14 14.17 5.91
N GLU A 301 -16.38 14.78 4.76
CA GLU A 301 -16.24 14.13 3.48
C GLU A 301 -15.94 15.25 2.52
N PRO A 302 -15.08 14.98 1.51
CA PRO A 302 -14.98 15.95 0.43
C PRO A 302 -16.35 16.32 -0.14
N ASP A 303 -16.58 17.62 -0.26
CA ASP A 303 -17.89 18.16 -0.62
C ASP A 303 -18.48 17.51 -1.86
N PRO A 304 -19.52 16.69 -1.69
CA PRO A 304 -20.04 15.93 -2.81
C PRO A 304 -20.55 16.77 -3.98
N THR A 305 -21.03 17.99 -3.67
CA THR A 305 -21.53 18.88 -4.73
C THR A 305 -20.43 19.25 -5.72
N GLN A 306 -19.17 19.04 -5.32
CA GLN A 306 -18.03 19.34 -6.20
C GLN A 306 -17.40 18.09 -6.88
N ASP A 307 -18.02 16.91 -6.72
CA ASP A 307 -17.47 15.70 -7.36
C ASP A 307 -17.45 15.90 -8.84
N THR A 308 -16.40 15.47 -9.51
CA THR A 308 -16.40 15.36 -10.97
C THR A 308 -16.32 13.90 -11.36
N GLU A 309 -16.16 13.66 -12.66
CA GLU A 309 -15.94 12.32 -13.18
C GLU A 309 -14.79 12.25 -14.17
N LEU A 310 -14.08 11.13 -14.16
CA LEU A 310 -13.18 10.79 -15.26
C LEU A 310 -13.73 9.56 -15.96
N GLU A 311 -13.37 9.44 -17.24
CA GLU A 311 -13.69 8.26 -18.04
C GLU A 311 -12.46 7.41 -18.15
N LEU A 312 -12.58 6.19 -17.60
CA LEU A 312 -11.47 5.25 -17.55
C LEU A 312 -12.01 3.94 -18.11
N ASP A 313 -11.35 3.43 -19.16
CA ASP A 313 -11.76 2.21 -19.90
C ASP A 313 -13.24 2.22 -20.23
N GLY A 314 -13.71 3.37 -20.68
CA GLY A 314 -15.11 3.61 -20.99
C GLY A 314 -16.13 3.70 -19.86
N GLN A 315 -15.70 3.75 -18.61
CA GLN A 315 -16.59 3.88 -17.42
C GLN A 315 -16.41 5.24 -16.75
N GLN A 316 -17.48 5.77 -16.21
CA GLN A 316 -17.45 6.96 -15.41
C GLN A 316 -16.98 6.59 -14.00
N VAL A 317 -16.00 7.33 -13.52
CA VAL A 317 -15.41 7.10 -12.22
C VAL A 317 -15.48 8.40 -11.49
N VAL A 318 -16.18 8.41 -10.38
CA VAL A 318 -16.23 9.62 -9.56
C VAL A 318 -14.83 10.00 -8.92
N VAL A 319 -14.46 11.29 -9.01
CA VAL A 319 -13.31 11.85 -8.38
C VAL A 319 -13.74 13.07 -7.55
N PRO A 320 -13.52 12.98 -6.24
CA PRO A 320 -13.83 14.14 -5.41
C PRO A 320 -12.91 15.33 -5.81
N GLN A 321 -13.45 16.53 -5.76
CA GLN A 321 -12.72 17.76 -6.01
C GLN A 321 -12.93 18.79 -4.92
N GLY A 322 -13.68 18.44 -3.86
CA GLY A 322 -14.16 19.45 -2.90
C GLY A 322 -13.38 19.41 -1.62
N GLN A 323 -13.32 20.52 -0.89
CA GLN A 323 -12.67 20.50 0.43
C GLN A 323 -13.59 19.73 1.36
N PRO A 324 -13.03 19.19 2.44
CA PRO A 324 -13.85 18.38 3.29
C PRO A 324 -14.91 19.24 3.99
N VAL A 325 -16.14 18.76 4.04
CA VAL A 325 -17.17 19.44 4.82
C VAL A 325 -17.80 18.51 5.83
N PRO A 326 -18.45 19.08 6.89
CA PRO A 326 -19.06 18.23 7.92
C PRO A 326 -20.25 17.44 7.38
N CYS A 327 -20.43 16.19 7.86
CA CYS A 327 -21.61 15.42 7.53
C CYS A 327 -22.38 15.24 8.83
N PRO A 328 -23.44 16.04 9.00
CA PRO A 328 -24.18 16.03 10.28
C PRO A 328 -24.63 14.67 10.73
N GLU A 329 -24.92 13.73 9.82
CA GLU A 329 -25.47 12.41 10.21
C GLU A 329 -24.37 11.57 10.87
N PHE A 330 -23.13 11.94 10.60
CA PHE A 330 -21.99 11.19 11.12
C PHE A 330 -21.11 12.01 12.07
N SER A 331 -21.71 13.02 12.70
CA SER A 331 -20.99 13.90 13.61
C SER A 331 -20.52 13.17 14.85
N SER A 332 -21.19 12.07 15.20
CA SER A 332 -20.78 11.27 16.36
C SER A 332 -19.97 10.00 16.03
N SER A 333 -19.66 9.81 14.75
CA SER A 333 -18.89 8.67 14.32
C SER A 333 -17.55 8.55 15.10
N THR A 334 -17.17 7.30 15.32
CA THR A 334 -15.83 7.04 15.79
C THR A 334 -14.70 7.41 14.78
N PHE A 335 -15.04 7.70 13.52
CA PHE A 335 -14.06 8.00 12.50
C PHE A 335 -14.05 9.48 12.21
N SER A 336 -12.90 10.13 12.28
CA SER A 336 -12.82 11.55 11.91
C SER A 336 -12.91 11.71 10.40
N GLN A 337 -12.28 10.79 9.68
CA GLN A 337 -12.33 10.77 8.24
C GLN A 337 -12.70 9.38 7.75
N SER A 338 -13.34 9.32 6.59
CA SER A 338 -13.86 8.05 6.07
C SER A 338 -12.79 7.05 5.66
N GLU A 339 -13.06 5.77 5.95
CA GLU A 339 -12.27 4.66 5.44
C GLU A 339 -13.19 3.86 4.57
N TYR A 340 -12.78 3.67 3.32
CA TYR A 340 -13.50 2.91 2.32
C TYR A 340 -12.87 1.53 2.20
N LEU A 341 -13.70 0.49 2.44
CA LEU A 341 -13.30 -0.87 2.44
C LEU A 341 -13.91 -1.75 1.32
N ILE A 342 -13.05 -2.50 0.64
CA ILE A 342 -13.48 -3.64 -0.16
C ILE A 342 -12.86 -4.90 0.42
N TYR A 343 -13.55 -6.01 0.15
CA TYR A 343 -13.15 -7.28 0.71
C TYR A 343 -12.85 -8.34 -0.39
N GLN A 344 -12.74 -7.88 -1.63
CA GLN A 344 -12.25 -8.71 -2.72
C GLN A 344 -11.25 -7.88 -3.56
N GLU A 345 -10.11 -8.46 -3.88
CA GLU A 345 -9.05 -7.78 -4.64
C GLU A 345 -9.51 -7.32 -6.03
N SER A 346 -10.46 -8.04 -6.63
CA SER A 346 -10.98 -7.70 -7.94
C SER A 346 -11.76 -6.38 -8.01
N GLN A 347 -12.15 -5.81 -6.87
CA GLN A 347 -12.95 -4.56 -6.83
C GLN A 347 -12.13 -3.26 -6.94
N CYS A 348 -10.79 -3.38 -6.96
CA CYS A 348 -9.89 -2.27 -7.16
C CYS A 348 -9.04 -2.55 -8.38
N ARG A 349 -8.82 -1.51 -9.17
CA ARG A 349 -7.80 -1.50 -10.26
C ARG A 349 -6.87 -0.29 -10.03
N LEU A 350 -5.56 -0.48 -10.00
CA LEU A 350 -4.65 0.68 -9.82
C LEU A 350 -4.66 1.54 -11.07
N ARG A 351 -4.71 2.84 -10.90
CA ARG A 351 -4.81 3.76 -12.03
C ARG A 351 -3.69 4.78 -12.06
N TYR A 352 -3.24 5.29 -10.91
CA TYR A 352 -2.25 6.34 -10.87
C TYR A 352 -1.32 6.13 -9.68
N LEU A 353 -0.07 6.57 -9.88
CA LEU A 353 0.94 6.67 -8.84
C LEU A 353 1.47 8.08 -8.81
N LEU A 354 1.56 8.65 -7.61
CA LEU A 354 2.00 10.02 -7.44
C LEU A 354 3.22 10.02 -6.57
N GLU A 355 4.21 10.80 -7.01
CA GLU A 355 5.34 11.14 -6.14
C GLU A 355 5.05 12.50 -5.54
N VAL A 356 5.23 12.59 -4.24
CA VAL A 356 4.93 13.81 -3.48
C VAL A 356 6.09 14.13 -2.52
N HIS A 357 6.38 15.43 -2.34
CA HIS A 357 7.43 15.85 -1.46
C HIS A 357 6.79 16.69 -0.34
CAM 1VD B . -0.45 -7.68 1.11
CAF 1VD B . -0.03 -8.89 0.66
NAQ 1VD B . 1.21 -9.10 1.17
CAN 1VD B . 1.54 -8.05 1.92
NBC 1VD B . 0.54 -7.15 1.88
CAW 1VD B . 0.58 -6.03 2.59
CAJ 1VD B . -0.57 -5.67 3.34
CAH 1VD B . -0.50 -4.52 4.15
CAI 1VD B . 1.75 -5.25 2.67
CAG 1VD B . 1.78 -4.12 3.45
CAV 1VD B . 0.67 -3.74 4.19
CBB 1VD B . 0.75 -2.57 5.03
CAA 1VD B . 0.91 -3.04 6.48
NAS 1VD B . -0.48 -1.75 5.04
CAU 1VD B . -0.62 -0.63 4.33
OAB 1VD B . 0.23 -0.20 3.56
CAO 1VD B . -1.98 0.10 4.58
CAP 1VD B . -1.84 1.55 4.13
CAX 1VD B . -3.03 2.29 4.25
NAR 1VD B . -3.96 2.14 5.20
CAZ 1VD B . -5.10 2.91 5.24
CAK 1VD B . -6.02 2.74 6.26
CAD 1VD B . -7.16 3.55 6.32
CAE 1VD B . -7.37 4.52 5.37
CAL 1VD B . -6.43 4.72 4.35
CBA 1VD B . -5.30 3.91 4.32
CAY 1VD B . -4.34 4.08 3.30
OAC 1VD B . -4.40 4.94 2.42
NAT 1VD B . -3.24 3.26 3.32
S DMS C . -1.43 -4.26 0.28
O DMS C . -1.28 -4.64 -1.39
C1 DMS C . -0.44 -2.76 0.60
C2 DMS C . -3.01 -3.48 0.75
#